data_4UA3
#
_entry.id   4UA3
#
_cell.length_a   114.701
_cell.length_b   42.629
_cell.length_c   85.417
_cell.angle_alpha   90.00
_cell.angle_beta   98.68
_cell.angle_gamma   90.00
#
_symmetry.space_group_name_H-M   'C 1 2 1'
#
loop_
_entity.id
_entity.type
_entity.pdbx_description
1 polymer 'Uncharacterized N-acetyltransferase C825.04c'
2 non-polymer 'COENZYME A'
3 non-polymer 'CHLORIDE ION'
4 water water
#
_entity_poly.entity_id   1
_entity_poly.type   'polypeptide(L)'
_entity_poly.pdbx_seq_one_letter_code
;(ACE)SRR(MSE)KTQEIKNVTLEDVDFLKNLGVWVEIYHHLEKGLLQQCFNLVKKN(MSE)EALYRQSSFGWDDSEKLK
E(MSE)E(MSE)EKLEYICIFEKTSKKLVGFLSFEDTVEAGLTCLYIYEIQLDEHIRGRNVGKWLLKNASILAYRRNLKY
IFLTVFSANLNALNFYHHFDFVPHESSPQEKKFRSGKVIHPDYYILYTKSRKDW
;
_entity_poly.pdbx_strand_id   A,B
#
loop_
_chem_comp.id
_chem_comp.type
_chem_comp.name
_chem_comp.formula
ACE non-polymer 'ACETYL GROUP' 'C2 H4 O'
CL non-polymer 'CHLORIDE ION' 'Cl -1'
COA non-polymer 'COENZYME A' 'C21 H36 N7 O16 P3 S'
#
# COMPACT_ATOMS: atom_id res chain seq x y z
N SER A 2 10.49 -12.05 12.81
CA SER A 2 11.55 -11.08 13.08
C SER A 2 10.99 -9.66 13.06
N ARG A 3 10.01 -9.40 13.91
CA ARG A 3 9.28 -8.14 13.87
C ARG A 3 9.87 -7.11 14.81
N ARG A 4 10.89 -7.51 15.56
CA ARG A 4 11.60 -6.53 16.38
C ARG A 4 13.11 -6.76 16.29
N MSE A 5 13.69 -6.18 15.25
CA MSE A 5 15.14 -6.12 15.13
C MSE A 5 15.65 -5.02 16.04
O MSE A 5 15.04 -3.96 16.13
CB MSE A 5 15.56 -5.86 13.69
CG MSE A 5 16.72 -6.73 13.19
SE MSE A 5 16.10 -8.16 11.99
CE MSE A 5 14.23 -8.04 12.43
N VAL A 13 9.21 13.73 -28.97
CA VAL A 13 9.07 12.93 -27.76
C VAL A 13 10.43 12.57 -27.17
N THR A 14 11.13 13.57 -26.65
CA THR A 14 12.43 13.36 -26.03
C THR A 14 12.26 13.29 -24.51
N LEU A 15 12.59 12.15 -23.92
CA LEU A 15 12.34 11.95 -22.51
C LEU A 15 13.36 12.65 -21.61
N GLU A 16 12.93 12.98 -20.40
CA GLU A 16 13.74 13.79 -19.51
C GLU A 16 14.40 12.94 -18.42
N ASP A 17 15.62 13.31 -18.05
CA ASP A 17 16.34 12.66 -16.94
C ASP A 17 16.61 11.17 -17.20
N VAL A 18 17.06 10.83 -18.41
CA VAL A 18 17.35 9.44 -18.72
C VAL A 18 18.49 8.92 -17.84
N ASP A 19 19.36 9.80 -17.36
CA ASP A 19 20.43 9.38 -16.46
C ASP A 19 19.88 8.67 -15.22
N PHE A 20 18.69 9.05 -14.78
CA PHE A 20 18.08 8.39 -13.64
C PHE A 20 17.91 6.88 -13.90
N LEU A 21 17.46 6.52 -15.09
CA LEU A 21 17.27 5.09 -15.38
C LEU A 21 18.60 4.36 -15.56
N LYS A 22 19.57 5.04 -16.14
CA LYS A 22 20.91 4.47 -16.30
C LYS A 22 21.45 4.09 -14.90
N ASN A 23 21.21 4.97 -13.93
CA ASN A 23 21.67 4.72 -12.56
C ASN A 23 20.98 3.53 -11.89
N LEU A 24 19.85 3.10 -12.46
CA LEU A 24 19.10 1.94 -11.97
C LEU A 24 19.37 0.65 -12.76
N GLY A 25 20.15 0.71 -13.83
CA GLY A 25 20.40 -0.47 -14.63
C GLY A 25 19.23 -0.81 -15.54
N VAL A 26 18.51 0.22 -15.99
CA VAL A 26 17.38 -0.01 -16.89
C VAL A 26 17.44 1.00 -18.03
N TRP A 27 16.65 0.76 -19.08
CA TRP A 27 16.57 1.72 -20.17
C TRP A 27 15.14 1.87 -20.64
N VAL A 28 14.87 2.93 -21.39
CA VAL A 28 13.52 3.28 -21.78
C VAL A 28 13.42 3.36 -23.30
N GLU A 29 12.27 2.95 -23.80
CA GLU A 29 11.92 3.11 -25.21
C GLU A 29 10.52 3.68 -25.26
N ILE A 30 10.23 4.39 -26.35
CA ILE A 30 8.89 4.91 -26.60
C ILE A 30 8.32 4.13 -27.77
N TYR A 31 7.09 3.66 -27.64
CA TYR A 31 6.45 2.91 -28.74
C TYR A 31 5.20 3.60 -29.21
N HIS A 32 4.98 3.59 -30.52
CA HIS A 32 3.71 4.06 -31.03
C HIS A 32 2.67 2.97 -30.87
N HIS A 33 3.10 1.72 -31.08
CA HIS A 33 2.25 0.55 -31.01
C HIS A 33 3.07 -0.60 -30.49
N LEU A 34 2.45 -1.51 -29.74
CA LEU A 34 3.23 -2.62 -29.25
C LEU A 34 3.29 -3.73 -30.30
N GLU A 35 4.51 -4.16 -30.59
CA GLU A 35 4.77 -5.37 -31.36
C GLU A 35 4.22 -6.59 -30.61
N LYS A 36 3.95 -7.68 -31.34
CA LYS A 36 3.26 -8.84 -30.78
C LYS A 36 3.83 -9.40 -29.47
N GLY A 37 5.14 -9.60 -29.41
CA GLY A 37 5.76 -10.14 -28.22
C GLY A 37 5.62 -9.24 -27.00
N LEU A 38 5.87 -7.96 -27.21
CA LEU A 38 5.88 -6.97 -26.14
C LEU A 38 4.45 -6.69 -25.67
N LEU A 39 3.50 -6.78 -26.60
CA LEU A 39 2.09 -6.67 -26.25
C LEU A 39 1.76 -7.69 -25.17
N GLN A 40 2.18 -8.93 -25.41
CA GLN A 40 1.93 -10.01 -24.47
C GLN A 40 2.62 -9.78 -23.13
N GLN A 41 3.84 -9.23 -23.15
CA GLN A 41 4.56 -8.94 -21.91
C GLN A 41 3.88 -7.85 -21.07
N CYS A 42 3.44 -6.79 -21.75
CA CYS A 42 2.75 -5.71 -21.05
C CYS A 42 1.44 -6.21 -20.49
N PHE A 43 0.75 -7.03 -21.25
CA PHE A 43 -0.50 -7.63 -20.79
C PHE A 43 -0.23 -8.45 -19.52
N ASN A 44 0.86 -9.22 -19.52
CA ASN A 44 1.21 -10.02 -18.35
C ASN A 44 1.42 -9.16 -17.11
N LEU A 45 2.02 -7.98 -17.28
CA LEU A 45 2.26 -7.12 -16.14
C LEU A 45 0.95 -6.54 -15.64
N VAL A 46 0.12 -6.04 -16.56
CA VAL A 46 -1.20 -5.53 -16.18
C VAL A 46 -2.01 -6.59 -15.45
N LYS A 47 -2.04 -7.80 -16.00
CA LYS A 47 -2.85 -8.87 -15.39
C LYS A 47 -2.33 -9.22 -13.99
N LYS A 48 -1.01 -9.39 -13.88
CA LYS A 48 -0.39 -9.71 -12.59
C LYS A 48 -0.72 -8.66 -11.53
N ASN A 49 -0.61 -7.40 -11.91
CA ASN A 49 -0.83 -6.30 -10.98
C ASN A 49 -2.29 -6.00 -10.66
N MSE A 50 -3.17 -6.21 -11.63
CA MSE A 50 -4.49 -5.60 -11.61
C MSE A 50 -5.68 -6.55 -11.60
O MSE A 50 -6.80 -6.11 -11.31
CB MSE A 50 -4.64 -4.66 -12.80
CG MSE A 50 -3.53 -3.63 -12.92
SE MSE A 50 -3.49 -2.40 -11.39
CE MSE A 50 -5.36 -1.80 -11.42
N GLU A 51 -5.48 -7.84 -11.91
CA GLU A 51 -6.63 -8.74 -12.07
C GLU A 51 -7.59 -8.72 -10.88
N ALA A 52 -7.05 -8.79 -9.68
CA ALA A 52 -7.89 -8.85 -8.48
C ALA A 52 -8.73 -7.58 -8.34
N LEU A 53 -8.10 -6.43 -8.57
CA LEU A 53 -8.78 -5.14 -8.51
C LEU A 53 -9.89 -5.02 -9.56
N TYR A 54 -9.63 -5.51 -10.76
CA TYR A 54 -10.64 -5.51 -11.81
C TYR A 54 -11.81 -6.44 -11.43
N ARG A 55 -11.48 -7.61 -10.89
CA ARG A 55 -12.48 -8.60 -10.52
C ARG A 55 -13.48 -8.07 -9.50
N GLN A 56 -12.99 -7.42 -8.46
CA GLN A 56 -13.85 -6.86 -7.40
C GLN A 56 -14.60 -5.58 -7.80
N SER A 57 -14.26 -5.01 -8.95
CA SER A 57 -14.94 -3.80 -9.42
C SER A 57 -16.14 -4.14 -10.31
N SER A 58 -16.97 -3.13 -10.56
CA SER A 58 -18.13 -3.28 -11.44
C SER A 58 -17.72 -3.54 -12.89
N PHE A 59 -16.47 -3.22 -13.21
CA PHE A 59 -15.95 -3.36 -14.57
C PHE A 59 -15.64 -4.81 -14.93
N GLY A 60 -15.26 -5.61 -13.93
CA GLY A 60 -14.88 -6.99 -14.18
C GLY A 60 -13.54 -7.11 -14.90
N TRP A 61 -13.09 -8.35 -15.08
CA TRP A 61 -11.87 -8.63 -15.83
C TRP A 61 -12.14 -9.62 -16.95
N ASP A 62 -11.64 -9.32 -18.14
CA ASP A 62 -11.67 -10.26 -19.24
C ASP A 62 -10.34 -10.18 -19.97
N ASP A 63 -9.60 -11.29 -19.96
CA ASP A 63 -8.31 -11.37 -20.63
C ASP A 63 -8.39 -10.83 -22.05
N SER A 64 -9.34 -11.35 -22.82
CA SER A 64 -9.49 -11.00 -24.22
C SER A 64 -9.83 -9.51 -24.40
N GLU A 65 -10.56 -8.96 -23.45
CA GLU A 65 -10.99 -7.56 -23.52
C GLU A 65 -9.87 -6.59 -23.19
N LYS A 66 -9.08 -6.94 -22.18
CA LYS A 66 -7.93 -6.10 -21.82
C LYS A 66 -6.92 -6.11 -22.96
N LEU A 67 -6.76 -7.27 -23.60
CA LEU A 67 -5.81 -7.40 -24.70
C LEU A 67 -6.17 -6.48 -25.86
N LYS A 68 -7.45 -6.50 -26.27
CA LYS A 68 -7.91 -5.69 -27.38
C LYS A 68 -7.74 -4.21 -27.08
N GLU A 69 -8.00 -3.83 -25.83
CA GLU A 69 -7.79 -2.45 -25.39
C GLU A 69 -6.34 -2.01 -25.60
N MSE A 70 -5.41 -2.87 -25.24
CA MSE A 70 -4.00 -2.47 -25.29
C MSE A 70 -3.50 -2.38 -26.72
O MSE A 70 -2.52 -1.71 -26.99
CB MSE A 70 -3.18 -3.43 -24.45
CG MSE A 70 -3.65 -3.44 -23.01
SE MSE A 70 -2.62 -4.59 -21.85
CE MSE A 70 -0.92 -3.63 -21.89
N GLU A 71 -4.22 -3.00 -27.65
CA GLU A 71 -3.90 -2.91 -29.07
C GLU A 71 -4.44 -1.65 -29.76
N MSE A 72 -5.20 -0.83 -29.05
CA MSE A 72 -5.84 0.32 -29.69
C MSE A 72 -4.80 1.26 -30.26
O MSE A 72 -3.81 1.55 -29.61
CB MSE A 72 -6.77 1.06 -28.72
CG MSE A 72 -7.92 0.23 -28.25
SE MSE A 72 -9.15 1.30 -27.18
CE MSE A 72 -7.94 1.88 -25.76
N GLU A 73 -5.04 1.73 -31.48
CA GLU A 73 -4.05 2.55 -32.17
C GLU A 73 -3.72 3.85 -31.44
N LYS A 74 -4.68 4.37 -30.68
CA LYS A 74 -4.50 5.66 -30.04
C LYS A 74 -3.53 5.63 -28.87
N LEU A 75 -3.23 4.45 -28.36
CA LEU A 75 -2.42 4.34 -27.15
C LEU A 75 -0.93 4.39 -27.48
N GLU A 76 -0.20 5.24 -26.80
CA GLU A 76 1.26 5.32 -26.92
C GLU A 76 1.86 4.69 -25.67
N TYR A 77 3.03 4.07 -25.82
CA TYR A 77 3.64 3.37 -24.69
C TYR A 77 5.04 3.87 -24.34
N ILE A 78 5.27 4.15 -23.06
CA ILE A 78 6.62 4.37 -22.55
C ILE A 78 7.05 3.15 -21.76
N CYS A 79 8.06 2.41 -22.26
CA CYS A 79 8.42 1.12 -21.68
C CYS A 79 9.82 1.11 -21.10
N ILE A 80 9.98 0.49 -19.93
CA ILE A 80 11.27 0.38 -19.26
C ILE A 80 11.71 -1.09 -19.18
N PHE A 81 12.95 -1.36 -19.58
CA PHE A 81 13.49 -2.72 -19.58
C PHE A 81 14.77 -2.84 -18.74
N GLU A 82 15.01 -4.03 -18.19
CA GLU A 82 16.20 -4.29 -17.39
C GLU A 82 17.41 -4.55 -18.29
N LYS A 83 18.51 -3.83 -18.05
CA LYS A 83 19.69 -3.95 -18.90
C LYS A 83 20.24 -5.38 -18.93
N THR A 84 20.28 -6.04 -17.78
CA THR A 84 20.86 -7.38 -17.77
C THR A 84 19.95 -8.38 -18.49
N SER A 85 18.72 -8.49 -18.02
CA SER A 85 17.78 -9.50 -18.54
C SER A 85 17.11 -9.13 -19.88
N LYS A 86 17.09 -7.83 -20.20
CA LYS A 86 16.38 -7.32 -21.39
C LYS A 86 14.87 -7.60 -21.34
N LYS A 87 14.38 -7.84 -20.13
CA LYS A 87 12.96 -8.07 -19.86
C LYS A 87 12.23 -6.77 -19.54
N LEU A 88 10.94 -6.70 -19.88
CA LEU A 88 10.11 -5.58 -19.45
C LEU A 88 9.95 -5.57 -17.92
N VAL A 89 10.17 -4.41 -17.31
CA VAL A 89 9.92 -4.28 -15.88
C VAL A 89 8.88 -3.19 -15.55
N GLY A 90 8.42 -2.46 -16.56
CA GLY A 90 7.44 -1.41 -16.32
C GLY A 90 7.02 -0.61 -17.54
N PHE A 91 5.86 0.02 -17.49
CA PHE A 91 5.47 0.90 -18.58
C PHE A 91 4.39 1.87 -18.16
N LEU A 92 4.19 2.89 -18.99
CA LEU A 92 3.07 3.80 -18.85
C LEU A 92 2.45 3.92 -20.24
N SER A 93 1.13 3.83 -20.32
CA SER A 93 0.43 4.00 -21.59
C SER A 93 -0.60 5.13 -21.50
N PHE A 94 -0.83 5.82 -22.61
CA PHE A 94 -1.67 7.02 -22.60
C PHE A 94 -2.22 7.34 -23.98
N GLU A 95 -3.27 8.15 -24.01
CA GLU A 95 -3.79 8.71 -25.25
C GLU A 95 -3.88 10.23 -25.11
N ASP A 96 -3.72 10.93 -26.24
CA ASP A 96 -4.00 12.35 -26.31
C ASP A 96 -5.46 12.55 -26.64
N THR A 97 -6.19 13.24 -25.78
CA THR A 97 -7.61 13.34 -26.01
C THR A 97 -8.22 14.59 -25.39
N VAL A 98 -9.54 14.62 -25.31
CA VAL A 98 -10.23 15.73 -24.67
C VAL A 98 -11.20 15.12 -23.66
N GLU A 99 -11.27 15.73 -22.48
CA GLU A 99 -12.17 15.32 -21.39
C GLU A 99 -12.94 16.51 -20.90
N ALA A 100 -14.25 16.50 -21.10
CA ALA A 100 -15.12 17.60 -20.66
C ALA A 100 -14.57 18.94 -21.14
N GLY A 101 -14.22 19.00 -22.42
CA GLY A 101 -13.74 20.23 -23.02
C GLY A 101 -12.26 20.53 -22.78
N LEU A 102 -11.61 19.76 -21.91
CA LEU A 102 -10.22 20.03 -21.56
C LEU A 102 -9.25 19.14 -22.32
N THR A 103 -8.26 19.72 -22.98
CA THR A 103 -7.22 18.94 -23.62
C THR A 103 -6.43 18.19 -22.57
N CYS A 104 -6.17 16.91 -22.81
CA CYS A 104 -5.44 16.16 -21.81
C CYS A 104 -4.65 14.98 -22.37
N LEU A 105 -3.70 14.55 -21.55
CA LEU A 105 -3.10 13.25 -21.69
C LEU A 105 -3.86 12.35 -20.71
N TYR A 106 -4.44 11.29 -21.25
CA TYR A 106 -5.24 10.38 -20.45
C TYR A 106 -4.44 9.12 -20.19
N ILE A 107 -4.06 8.90 -18.93
CA ILE A 107 -3.26 7.74 -18.60
C ILE A 107 -4.11 6.48 -18.53
N TYR A 108 -3.73 5.45 -19.29
CA TYR A 108 -4.45 4.18 -19.21
C TYR A 108 -3.81 3.22 -18.21
N GLU A 109 -2.48 3.15 -18.23
CA GLU A 109 -1.78 2.26 -17.34
C GLU A 109 -0.53 2.93 -16.83
N ILE A 110 -0.24 2.70 -15.56
CA ILE A 110 1.11 2.84 -15.07
C ILE A 110 1.38 1.59 -14.25
N GLN A 111 2.34 0.80 -14.71
CA GLN A 111 2.57 -0.51 -14.16
C GLN A 111 4.06 -0.73 -13.95
N LEU A 112 4.42 -1.13 -12.75
CA LEU A 112 5.79 -1.50 -12.43
C LEU A 112 5.83 -2.89 -11.85
N ASP A 113 6.85 -3.66 -12.25
CA ASP A 113 6.99 -4.96 -11.62
C ASP A 113 7.30 -4.71 -10.15
N GLU A 114 7.01 -5.69 -9.32
CA GLU A 114 7.09 -5.54 -7.87
C GLU A 114 8.45 -5.08 -7.36
N HIS A 115 9.51 -5.62 -7.95
CA HIS A 115 10.87 -5.40 -7.45
C HIS A 115 11.40 -4.00 -7.78
N ILE A 116 10.73 -3.26 -8.65
CA ILE A 116 11.25 -1.94 -9.00
C ILE A 116 10.33 -0.82 -8.48
N ARG A 117 9.31 -1.19 -7.73
CA ARG A 117 8.45 -0.18 -7.09
C ARG A 117 9.13 0.48 -5.90
N GLY A 118 8.79 1.73 -5.63
CA GLY A 118 9.33 2.41 -4.44
C GLY A 118 10.76 2.90 -4.63
N ARG A 119 11.15 3.13 -5.88
CA ARG A 119 12.49 3.59 -6.20
C ARG A 119 12.46 4.82 -7.11
N ASN A 120 11.32 5.50 -7.13
CA ASN A 120 11.08 6.75 -7.87
C ASN A 120 10.93 6.56 -9.40
N VAL A 121 10.74 5.32 -9.82
CA VAL A 121 10.48 5.02 -11.25
C VAL A 121 9.04 5.38 -11.62
N GLY A 122 8.13 5.26 -10.66
CA GLY A 122 6.75 5.64 -10.91
C GLY A 122 6.69 7.13 -11.10
N LYS A 123 7.38 7.84 -10.22
CA LYS A 123 7.54 9.28 -10.34
C LYS A 123 8.18 9.64 -11.67
N TRP A 124 9.20 8.89 -12.07
CA TRP A 124 9.88 9.18 -13.33
C TRP A 124 8.91 9.09 -14.50
N LEU A 125 8.15 8.01 -14.56
CA LEU A 125 7.20 7.81 -15.65
C LEU A 125 6.12 8.90 -15.64
N LEU A 126 5.55 9.16 -14.47
CA LEU A 126 4.49 10.15 -14.35
C LEU A 126 4.98 11.55 -14.74
N LYS A 127 6.14 11.94 -14.21
CA LYS A 127 6.76 13.22 -14.54
C LYS A 127 6.99 13.36 -16.06
N ASN A 128 7.50 12.32 -16.70
CA ASN A 128 7.76 12.40 -18.13
C ASN A 128 6.45 12.47 -18.91
N ALA A 129 5.43 11.78 -18.43
CA ALA A 129 4.13 11.84 -19.09
C ALA A 129 3.61 13.27 -19.01
N SER A 130 3.76 13.87 -17.83
CA SER A 130 3.28 15.21 -17.60
C SER A 130 4.00 16.23 -18.48
N ILE A 131 5.32 16.05 -18.61
CA ILE A 131 6.14 16.92 -19.45
C ILE A 131 5.74 16.82 -20.91
N LEU A 132 5.57 15.59 -21.38
CA LEU A 132 5.15 15.32 -22.76
C LEU A 132 3.81 15.97 -23.05
N ALA A 133 2.89 15.88 -22.09
CA ALA A 133 1.57 16.46 -22.26
C ALA A 133 1.65 17.96 -22.45
N TYR A 134 2.39 18.62 -21.56
CA TYR A 134 2.58 20.06 -21.61
C TYR A 134 3.17 20.48 -22.96
N ARG A 135 4.16 19.75 -23.43
CA ARG A 135 4.84 20.09 -24.68
C ARG A 135 3.93 19.86 -25.88
N ARG A 136 2.91 19.02 -25.71
CA ARG A 136 1.95 18.78 -26.78
C ARG A 136 0.72 19.70 -26.66
N ASN A 137 0.86 20.72 -25.81
CA ASN A 137 -0.21 21.66 -25.51
C ASN A 137 -1.45 20.96 -24.95
N LEU A 138 -1.22 19.91 -24.17
CA LEU A 138 -2.31 19.24 -23.46
C LEU A 138 -2.27 19.73 -22.02
N LYS A 139 -3.33 20.39 -21.60
CA LYS A 139 -3.30 21.19 -20.38
C LYS A 139 -3.47 20.36 -19.12
N TYR A 140 -4.07 19.17 -19.24
CA TYR A 140 -4.33 18.35 -18.06
C TYR A 140 -3.87 16.90 -18.24
N ILE A 141 -3.69 16.22 -17.11
CA ILE A 141 -3.54 14.78 -17.08
C ILE A 141 -4.78 14.19 -16.43
N PHE A 142 -5.38 13.19 -17.08
CA PHE A 142 -6.56 12.52 -16.52
C PHE A 142 -6.26 11.05 -16.33
N LEU A 143 -6.98 10.42 -15.40
CA LEU A 143 -6.93 8.97 -15.26
C LEU A 143 -8.12 8.45 -14.46
N THR A 144 -8.36 7.16 -14.57
CA THR A 144 -9.32 6.49 -13.69
C THR A 144 -8.54 5.65 -12.67
N VAL A 145 -9.02 5.59 -11.44
CA VAL A 145 -8.36 4.75 -10.44
C VAL A 145 -9.37 4.04 -9.54
N PHE A 146 -9.14 2.76 -9.24
CA PHE A 146 -10.02 2.04 -8.33
C PHE A 146 -9.93 2.59 -6.90
N SER A 147 -11.09 2.80 -6.27
CA SER A 147 -11.11 3.28 -4.90
C SER A 147 -10.39 2.31 -3.98
N ALA A 148 -10.44 1.03 -4.32
CA ALA A 148 -9.81 -0.01 -3.51
C ALA A 148 -8.28 -0.07 -3.68
N ASN A 149 -7.76 0.58 -4.71
CA ASN A 149 -6.31 0.62 -4.92
C ASN A 149 -5.66 1.72 -4.09
N LEU A 150 -5.58 1.54 -2.77
CA LEU A 150 -5.17 2.63 -1.88
C LEU A 150 -3.75 3.16 -2.16
N ASN A 151 -2.81 2.28 -2.48
CA ASN A 151 -1.45 2.77 -2.75
C ASN A 151 -1.45 3.74 -3.94
N ALA A 152 -2.13 3.37 -5.02
CA ALA A 152 -2.14 4.22 -6.21
C ALA A 152 -2.87 5.52 -5.94
N LEU A 153 -3.98 5.40 -5.21
CA LEU A 153 -4.77 6.55 -4.84
C LEU A 153 -3.90 7.59 -4.13
N ASN A 154 -3.10 7.15 -3.15
CA ASN A 154 -2.27 8.09 -2.39
C ASN A 154 -1.07 8.58 -3.22
N PHE A 155 -0.58 7.71 -4.08
CA PHE A 155 0.49 8.09 -5.00
C PHE A 155 0.01 9.28 -5.84
N TYR A 156 -1.17 9.15 -6.44
CA TYR A 156 -1.69 10.21 -7.28
C TYR A 156 -1.95 11.49 -6.50
N HIS A 157 -2.44 11.34 -5.27
CA HIS A 157 -2.73 12.51 -4.45
C HIS A 157 -1.46 13.30 -4.23
N HIS A 158 -0.35 12.60 -4.00
CA HIS A 158 0.93 13.25 -3.79
C HIS A 158 1.35 14.09 -4.99
N PHE A 159 0.92 13.68 -6.18
CA PHE A 159 1.25 14.42 -7.38
C PHE A 159 0.07 15.26 -7.85
N ASP A 160 -0.70 15.73 -6.87
CA ASP A 160 -1.68 16.81 -7.05
C ASP A 160 -2.90 16.43 -7.90
N PHE A 161 -3.17 15.14 -8.08
CA PHE A 161 -4.41 14.73 -8.72
C PHE A 161 -5.56 14.93 -7.75
N VAL A 162 -6.69 15.42 -8.24
CA VAL A 162 -7.88 15.58 -7.41
C VAL A 162 -9.09 15.10 -8.23
N PRO A 163 -10.22 14.80 -7.56
CA PRO A 163 -11.36 14.31 -8.34
C PRO A 163 -11.90 15.34 -9.31
N HIS A 164 -12.14 14.91 -10.54
CA HIS A 164 -12.81 15.77 -11.50
C HIS A 164 -14.30 15.89 -11.14
N GLU A 165 -14.94 16.95 -11.60
CA GLU A 165 -16.36 17.16 -11.32
C GLU A 165 -17.20 15.98 -11.82
N SER A 166 -16.68 15.30 -12.84
CA SER A 166 -17.33 14.11 -13.38
C SER A 166 -17.10 12.84 -12.57
N SER A 167 -16.22 12.88 -11.57
CA SER A 167 -15.95 11.69 -10.76
C SER A 167 -17.17 11.34 -9.90
N PRO A 168 -17.48 10.04 -9.78
CA PRO A 168 -18.45 9.56 -8.81
C PRO A 168 -18.09 10.00 -7.40
N GLN A 169 -19.08 10.31 -6.57
CA GLN A 169 -18.86 10.79 -5.20
C GLN A 169 -19.44 9.86 -4.15
N GLU A 170 -18.83 9.86 -2.97
CA GLU A 170 -19.37 9.11 -1.85
C GLU A 170 -20.72 9.72 -1.49
N LYS A 171 -21.69 8.87 -1.20
CA LYS A 171 -23.00 9.33 -0.72
C LYS A 171 -23.60 8.43 0.34
N LYS A 172 -24.22 9.08 1.34
CA LYS A 172 -24.87 8.39 2.46
C LYS A 172 -26.27 8.98 2.68
N PHE A 173 -27.28 8.11 2.80
CA PHE A 173 -28.67 8.53 3.02
C PHE A 173 -29.24 8.05 4.36
N ARG A 174 -30.15 8.84 4.93
CA ARG A 174 -30.83 8.45 6.16
C ARG A 174 -31.68 7.19 5.95
N SER A 175 -32.11 6.96 4.71
CA SER A 175 -32.80 5.72 4.33
C SER A 175 -31.95 4.48 4.61
N GLY A 176 -30.64 4.69 4.76
CA GLY A 176 -29.72 3.59 5.02
C GLY A 176 -28.95 3.23 3.77
N LYS A 177 -29.37 3.81 2.64
CA LYS A 177 -28.67 3.59 1.39
C LYS A 177 -27.31 4.25 1.52
N VAL A 178 -26.26 3.47 1.23
CA VAL A 178 -24.91 4.02 1.21
C VAL A 178 -24.32 3.72 -0.15
N ILE A 179 -23.77 4.75 -0.79
CA ILE A 179 -23.17 4.53 -2.08
C ILE A 179 -21.68 4.78 -2.02
N HIS A 180 -20.91 3.71 -2.23
CA HIS A 180 -19.47 3.77 -2.29
C HIS A 180 -19.05 3.52 -3.74
N PRO A 181 -18.53 4.54 -4.43
CA PRO A 181 -18.13 4.21 -5.80
C PRO A 181 -16.87 3.35 -5.82
N ASP A 182 -16.73 2.49 -6.81
CA ASP A 182 -15.54 1.63 -6.91
C ASP A 182 -14.40 2.28 -7.73
N TYR A 183 -14.64 3.44 -8.32
CA TYR A 183 -13.58 4.17 -9.00
C TYR A 183 -13.76 5.68 -8.86
N TYR A 184 -12.66 6.40 -9.08
CA TYR A 184 -12.65 7.84 -9.19
C TYR A 184 -12.07 8.27 -10.53
N ILE A 185 -12.47 9.45 -10.97
CA ILE A 185 -11.85 10.09 -12.12
C ILE A 185 -11.02 11.27 -11.62
N LEU A 186 -9.70 11.16 -11.75
CA LEU A 186 -8.83 12.18 -11.20
C LEU A 186 -8.16 13.00 -12.29
N TYR A 187 -7.83 14.25 -11.98
CA TYR A 187 -7.04 15.02 -12.93
C TYR A 187 -6.17 16.04 -12.23
N THR A 188 -5.20 16.55 -12.98
CA THR A 188 -4.35 17.62 -12.52
C THR A 188 -3.79 18.34 -13.73
N LYS A 189 -3.27 19.55 -13.55
CA LYS A 189 -2.65 20.26 -14.67
C LYS A 189 -1.33 19.60 -15.07
N SER A 190 -1.03 19.57 -16.36
CA SER A 190 0.30 19.15 -16.80
C SER A 190 1.31 20.24 -16.48
N ARG A 191 2.58 19.86 -16.41
CA ARG A 191 3.64 20.82 -16.08
C ARG A 191 4.96 20.40 -16.72
N LYS A 192 5.75 21.39 -17.14
CA LYS A 192 7.04 21.14 -17.77
C LYS A 192 8.20 21.28 -16.78
N ASP A 193 7.96 21.94 -15.64
CA ASP A 193 9.01 22.18 -14.67
C ASP A 193 8.90 21.26 -13.44
N TRP A 194 9.90 20.40 -13.25
CA TRP A 194 9.91 19.48 -12.12
C TRP A 194 11.22 19.58 -11.35
C ACE B 1 6.02 -17.72 33.82
O ACE B 1 5.28 -18.23 32.95
CH3 ACE B 1 6.21 -18.39 35.16
N SER B 2 6.68 -16.52 33.56
CA SER B 2 7.55 -15.84 34.45
C SER B 2 6.78 -15.26 35.63
N ARG B 3 7.53 -14.98 36.69
CA ARG B 3 6.92 -14.34 37.82
C ARG B 3 6.38 -12.97 37.46
N ARG B 4 7.10 -12.21 36.65
CA ARG B 4 6.61 -10.91 36.22
C ARG B 4 5.22 -11.03 35.58
N MSE B 5 5.08 -12.00 34.70
CA MSE B 5 3.83 -12.19 33.99
C MSE B 5 2.67 -12.54 34.94
O MSE B 5 1.57 -12.01 34.81
CB MSE B 5 3.98 -13.29 32.93
CG MSE B 5 2.72 -13.51 32.11
SE MSE B 5 1.58 -14.88 32.90
CE MSE B 5 2.56 -16.46 32.27
N LYS B 6 2.94 -13.42 35.91
CA LYS B 6 1.88 -13.89 36.80
C LYS B 6 1.44 -12.81 37.79
N THR B 7 2.29 -11.81 38.04
CA THR B 7 1.89 -10.71 38.92
C THR B 7 0.93 -9.74 38.22
N GLN B 8 0.80 -9.90 36.92
CA GLN B 8 0.17 -8.86 36.13
C GLN B 8 -1.35 -8.88 36.26
N GLU B 9 -1.92 -7.75 36.68
CA GLU B 9 -3.37 -7.63 36.76
C GLU B 9 -3.94 -7.39 35.36
N ILE B 10 -5.05 -8.05 35.05
CA ILE B 10 -5.74 -7.84 33.80
C ILE B 10 -6.80 -6.79 34.02
N LYS B 11 -6.61 -5.62 33.45
CA LYS B 11 -7.56 -4.54 33.64
C LYS B 11 -8.45 -4.42 32.41
N ASN B 12 -9.76 -4.27 32.61
CA ASN B 12 -10.68 -4.11 31.48
C ASN B 12 -10.34 -2.88 30.66
N VAL B 13 -10.07 -3.08 29.37
CA VAL B 13 -9.72 -1.98 28.49
C VAL B 13 -10.89 -1.64 27.57
N THR B 14 -11.25 -0.36 27.51
CA THR B 14 -12.35 0.09 26.66
C THR B 14 -11.82 0.71 25.35
N LEU B 15 -12.16 0.09 24.23
CA LEU B 15 -11.66 0.54 22.95
C LEU B 15 -12.42 1.74 22.38
N GLU B 16 -11.77 2.39 21.40
CA GLU B 16 -12.21 3.65 20.84
C GLU B 16 -13.02 3.40 19.55
N ASP B 17 -14.12 4.14 19.39
CA ASP B 17 -14.93 4.09 18.18
C ASP B 17 -15.41 2.67 17.87
N VAL B 18 -15.89 1.98 18.89
CA VAL B 18 -16.37 0.61 18.72
C VAL B 18 -17.61 0.56 17.78
N ASP B 19 -18.34 1.67 17.69
CA ASP B 19 -19.46 1.81 16.76
C ASP B 19 -19.06 1.59 15.29
N PHE B 20 -17.82 1.93 14.98
CA PHE B 20 -17.30 1.73 13.62
C PHE B 20 -17.39 0.26 13.19
N LEU B 21 -17.05 -0.63 14.12
CA LEU B 21 -17.03 -2.06 13.83
C LEU B 21 -18.42 -2.67 13.67
N LYS B 22 -19.37 -2.18 14.47
CA LYS B 22 -20.74 -2.66 14.39
C LYS B 22 -21.26 -2.46 12.97
N ASN B 23 -20.98 -1.30 12.40
CA ASN B 23 -21.44 -0.98 11.05
C ASN B 23 -20.81 -1.87 9.97
N LEU B 24 -19.69 -2.52 10.32
CA LEU B 24 -19.03 -3.40 9.37
C LEU B 24 -19.40 -4.86 9.59
N GLY B 25 -20.13 -5.15 10.66
CA GLY B 25 -20.47 -6.53 10.99
C GLY B 25 -19.34 -7.31 11.66
N VAL B 26 -18.53 -6.63 12.45
CA VAL B 26 -17.46 -7.31 13.18
C VAL B 26 -17.43 -6.86 14.64
N TRP B 27 -16.73 -7.62 15.48
CA TRP B 27 -16.56 -7.24 16.88
C TRP B 27 -15.11 -7.46 17.27
N VAL B 28 -14.69 -6.82 18.36
CA VAL B 28 -13.28 -6.82 18.74
C VAL B 28 -13.13 -7.32 20.16
N GLU B 29 -12.06 -8.08 20.40
CA GLU B 29 -11.70 -8.50 21.74
C GLU B 29 -10.20 -8.35 21.89
N ILE B 30 -9.74 -8.08 23.11
CA ILE B 30 -8.31 -8.03 23.38
C ILE B 30 -7.91 -9.24 24.22
N TYR B 31 -6.82 -9.88 23.83
CA TYR B 31 -6.34 -11.03 24.59
C TYR B 31 -4.90 -10.78 25.05
N HIS B 32 -4.62 -11.13 26.30
CA HIS B 32 -3.26 -11.19 26.82
C HIS B 32 -2.63 -12.54 26.48
N HIS B 33 -3.48 -13.54 26.29
CA HIS B 33 -3.00 -14.87 25.95
C HIS B 33 -3.93 -15.51 24.93
N LEU B 34 -3.35 -16.12 23.89
CA LEU B 34 -4.13 -16.80 22.86
C LEU B 34 -4.24 -18.31 23.08
N GLU B 35 -5.47 -18.81 23.02
CA GLU B 35 -5.72 -20.24 22.97
C GLU B 35 -5.23 -20.83 21.66
N LYS B 36 -5.00 -22.15 21.66
CA LYS B 36 -4.42 -22.85 20.52
C LYS B 36 -5.14 -22.54 19.20
N GLY B 37 -6.48 -22.56 19.24
CA GLY B 37 -7.29 -22.30 18.06
C GLY B 37 -7.11 -20.91 17.47
N LEU B 38 -7.14 -19.90 18.34
CA LEU B 38 -7.03 -18.51 17.91
C LEU B 38 -5.61 -18.16 17.49
N LEU B 39 -4.65 -18.73 18.20
CA LEU B 39 -3.24 -18.57 17.84
C LEU B 39 -3.03 -19.05 16.41
N GLN B 40 -3.58 -20.23 16.11
CA GLN B 40 -3.49 -20.83 14.79
C GLN B 40 -4.17 -19.96 13.73
N GLN B 41 -5.28 -19.32 14.09
CA GLN B 41 -5.97 -18.45 13.16
C GLN B 41 -5.12 -17.22 12.86
N CYS B 42 -4.50 -16.65 13.89
CA CYS B 42 -3.65 -15.49 13.71
C CYS B 42 -2.40 -15.85 12.90
N PHE B 43 -1.83 -17.02 13.18
CA PHE B 43 -0.68 -17.51 12.44
C PHE B 43 -1.01 -17.71 10.96
N ASN B 44 -2.15 -18.32 10.68
CA ASN B 44 -2.58 -18.54 9.30
C ASN B 44 -2.75 -17.24 8.53
N LEU B 45 -3.22 -16.20 9.22
CA LEU B 45 -3.41 -14.91 8.55
C LEU B 45 -2.06 -14.27 8.24
N VAL B 46 -1.15 -14.29 9.23
CA VAL B 46 0.20 -13.78 9.02
C VAL B 46 0.87 -14.50 7.85
N LYS B 47 0.77 -15.81 7.83
CA LYS B 47 1.43 -16.59 6.79
C LYS B 47 0.89 -16.27 5.41
N LYS B 48 -0.43 -16.28 5.27
CA LYS B 48 -1.07 -15.99 4.00
C LYS B 48 -0.66 -14.61 3.48
N ASN B 49 -0.60 -13.64 4.38
CA ASN B 49 -0.28 -12.26 4.00
C ASN B 49 1.21 -12.03 3.75
N MSE B 50 2.07 -12.76 4.47
CA MSE B 50 3.47 -12.37 4.57
C MSE B 50 4.48 -13.38 4.03
O MSE B 50 5.66 -13.06 3.94
CB MSE B 50 3.85 -12.10 6.04
CG MSE B 50 2.91 -11.13 6.77
SE MSE B 50 2.94 -9.32 6.03
CE MSE B 50 4.84 -8.95 6.26
N GLU B 51 4.03 -14.59 3.72
CA GLU B 51 4.94 -15.67 3.33
C GLU B 51 5.87 -15.26 2.19
N ALA B 52 5.31 -14.66 1.15
CA ALA B 52 6.10 -14.24 -0.01
C ALA B 52 7.09 -13.14 0.38
N LEU B 53 6.61 -12.17 1.16
CA LEU B 53 7.45 -11.06 1.63
C LEU B 53 8.60 -11.55 2.48
N TYR B 54 8.33 -12.52 3.35
CA TYR B 54 9.38 -13.09 4.16
C TYR B 54 10.36 -13.85 3.25
N ARG B 55 9.82 -14.63 2.33
CA ARG B 55 10.66 -15.42 1.41
C ARG B 55 11.57 -14.54 0.56
N GLN B 56 11.02 -13.48 -0.03
CA GLN B 56 11.81 -12.61 -0.91
C GLN B 56 12.75 -11.69 -0.12
N SER B 57 12.58 -11.69 1.19
CA SER B 57 13.44 -10.89 2.05
C SER B 57 14.63 -11.73 2.51
N SER B 58 15.62 -11.06 3.06
CA SER B 58 16.79 -11.74 3.61
C SER B 58 16.44 -12.58 4.84
N PHE B 59 15.28 -12.31 5.43
CA PHE B 59 14.91 -12.97 6.69
C PHE B 59 14.52 -14.42 6.50
N GLY B 60 13.93 -14.72 5.34
CA GLY B 60 13.36 -16.04 5.12
C GLY B 60 12.06 -16.23 5.91
N TRP B 61 11.41 -17.36 5.67
CA TRP B 61 10.20 -17.73 6.39
C TRP B 61 10.32 -19.11 7.04
N ASP B 62 9.91 -19.18 8.30
CA ASP B 62 9.83 -20.46 9.00
C ASP B 62 8.58 -20.55 9.85
N ASP B 63 7.70 -21.48 9.51
CA ASP B 63 6.47 -21.70 10.27
C ASP B 63 6.74 -21.78 11.76
N SER B 64 7.69 -22.62 12.13
CA SER B 64 8.01 -22.85 13.54
C SER B 64 8.59 -21.62 14.24
N GLU B 65 9.34 -20.80 13.51
CA GLU B 65 9.98 -19.64 14.13
C GLU B 65 9.01 -18.47 14.33
N LYS B 66 8.13 -18.25 13.35
CA LYS B 66 7.13 -17.19 13.48
C LYS B 66 6.18 -17.53 14.62
N LEU B 67 5.87 -18.81 14.76
CA LEU B 67 4.99 -19.32 15.80
C LEU B 67 5.55 -18.97 17.18
N LYS B 68 6.84 -19.23 17.37
CA LYS B 68 7.51 -18.96 18.64
C LYS B 68 7.42 -17.48 19.00
N GLU B 69 7.64 -16.61 18.03
CA GLU B 69 7.49 -15.17 18.21
C GLU B 69 6.08 -14.81 18.65
N MSE B 70 5.09 -15.41 18.00
CA MSE B 70 3.70 -15.02 18.25
C MSE B 70 3.19 -15.57 19.58
O MSE B 70 2.16 -15.12 20.08
CB MSE B 70 2.81 -15.50 17.11
CG MSE B 70 3.18 -14.90 15.78
SE MSE B 70 1.92 -15.46 14.41
CE MSE B 70 0.35 -14.41 14.95
N GLU B 71 3.92 -16.53 20.14
CA GLU B 71 3.56 -17.12 21.43
C GLU B 71 4.17 -16.41 22.62
N MSE B 72 4.93 -15.33 22.39
CA MSE B 72 5.63 -14.66 23.49
C MSE B 72 4.64 -14.16 24.54
O MSE B 72 3.58 -13.62 24.20
CB MSE B 72 6.47 -13.51 22.96
CG MSE B 72 7.66 -14.00 22.15
SE MSE B 72 8.75 -12.55 21.47
CE MSE B 72 7.33 -11.38 20.85
N GLU B 73 4.99 -14.33 25.81
CA GLU B 73 4.05 -14.09 26.90
C GLU B 73 3.67 -12.62 26.98
N LYS B 74 4.59 -11.76 26.56
CA LYS B 74 4.44 -10.31 26.66
C LYS B 74 3.44 -9.69 25.66
N LEU B 75 3.09 -10.45 24.61
CA LEU B 75 2.30 -9.90 23.51
C LEU B 75 0.80 -9.83 23.79
N GLU B 76 0.20 -8.69 23.49
CA GLU B 76 -1.24 -8.52 23.58
C GLU B 76 -1.82 -8.48 22.16
N TYR B 77 -3.02 -9.02 22.00
CA TYR B 77 -3.62 -9.11 20.68
C TYR B 77 -4.96 -8.37 20.71
N ILE B 78 -5.14 -7.49 19.74
CA ILE B 78 -6.44 -6.90 19.48
C ILE B 78 -6.99 -7.63 18.28
N CYS B 79 -8.05 -8.40 18.50
CA CYS B 79 -8.57 -9.31 17.47
C CYS B 79 -9.96 -8.93 17.01
N ILE B 80 -10.16 -8.98 15.69
CA ILE B 80 -11.44 -8.66 15.06
C ILE B 80 -12.03 -9.90 14.41
N PHE B 81 -13.28 -10.21 14.73
CA PHE B 81 -13.92 -11.39 14.18
C PHE B 81 -15.21 -11.00 13.45
N GLU B 82 -15.58 -11.81 12.46
CA GLU B 82 -16.80 -11.58 11.71
C GLU B 82 -17.99 -12.00 12.56
N LYS B 83 -18.99 -11.14 12.68
CA LYS B 83 -20.14 -11.44 13.53
C LYS B 83 -20.84 -12.72 13.08
N THR B 84 -21.00 -12.88 11.77
CA THR B 84 -21.71 -14.04 11.24
C THR B 84 -20.92 -15.32 11.39
N SER B 85 -19.74 -15.37 10.78
CA SER B 85 -18.93 -16.59 10.71
C SER B 85 -18.12 -16.87 11.98
N LYS B 86 -17.93 -15.83 12.79
CA LYS B 86 -17.09 -15.90 13.99
C LYS B 86 -15.64 -16.21 13.65
N LYS B 87 -15.26 -15.98 12.40
CA LYS B 87 -13.88 -16.19 11.99
C LYS B 87 -13.04 -14.94 12.20
N LEU B 88 -11.78 -15.15 12.53
CA LEU B 88 -10.85 -14.04 12.64
C LEU B 88 -10.71 -13.38 11.27
N VAL B 89 -10.83 -12.06 11.21
CA VAL B 89 -10.63 -11.35 9.95
C VAL B 89 -9.49 -10.33 10.05
N GLY B 90 -8.93 -10.16 11.24
CA GLY B 90 -7.84 -9.22 11.41
C GLY B 90 -7.37 -9.06 12.84
N PHE B 91 -6.12 -8.62 13.00
CA PHE B 91 -5.64 -8.36 14.34
C PHE B 91 -4.46 -7.43 14.35
N LEU B 92 -4.16 -6.91 15.54
CA LEU B 92 -2.97 -6.13 15.78
C LEU B 92 -2.36 -6.68 17.05
N SER B 93 -1.05 -6.93 17.03
CA SER B 93 -0.36 -7.42 18.22
C SER B 93 0.74 -6.46 18.61
N PHE B 94 1.00 -6.36 19.92
CA PHE B 94 1.92 -5.36 20.42
C PHE B 94 2.49 -5.78 21.79
N GLU B 95 3.61 -5.16 22.17
CA GLU B 95 4.11 -5.30 23.54
C GLU B 95 4.34 -3.92 24.16
N ASP B 96 4.14 -3.83 25.46
CA ASP B 96 4.49 -2.61 26.17
C ASP B 96 5.96 -2.75 26.51
N THR B 97 6.79 -1.82 26.04
CA THR B 97 8.21 -2.00 26.22
C THR B 97 8.98 -0.68 26.23
N VAL B 98 10.29 -0.78 26.14
CA VAL B 98 11.13 0.39 26.04
C VAL B 98 12.04 0.19 24.83
N GLU B 99 12.23 1.23 24.02
CA GLU B 99 13.14 1.14 22.87
C GLU B 99 14.06 2.35 22.85
N ALA B 100 15.36 2.10 23.05
CA ALA B 100 16.35 3.16 23.12
C ALA B 100 15.99 4.25 24.12
N GLY B 101 15.62 3.84 25.33
CA GLY B 101 15.32 4.78 26.39
C GLY B 101 13.93 5.36 26.35
N LEU B 102 13.20 5.07 25.27
CA LEU B 102 11.86 5.63 25.09
C LEU B 102 10.77 4.62 25.43
N THR B 103 9.83 5.01 26.28
CA THR B 103 8.68 4.15 26.54
C THR B 103 7.85 4.03 25.27
N CYS B 104 7.44 2.82 24.95
CA CYS B 104 6.65 2.66 23.74
C CYS B 104 5.76 1.43 23.74
N LEU B 105 4.75 1.48 22.88
CA LEU B 105 4.01 0.31 22.48
C LEU B 105 4.68 -0.14 21.19
N TYR B 106 5.15 -1.37 21.15
CA TYR B 106 5.86 -1.90 19.98
C TYR B 106 4.90 -2.79 19.19
N ILE B 107 4.54 -2.37 17.99
CA ILE B 107 3.61 -3.14 17.21
C ILE B 107 4.32 -4.31 16.56
N TYR B 108 3.84 -5.53 16.80
CA TYR B 108 4.50 -6.66 16.13
C TYR B 108 3.85 -7.01 14.80
N GLU B 109 2.53 -7.03 14.76
CA GLU B 109 1.81 -7.37 13.55
C GLU B 109 0.62 -6.45 13.40
N ILE B 110 0.30 -6.05 12.17
CA ILE B 110 -1.04 -5.57 11.86
C ILE B 110 -1.50 -6.31 10.59
N GLN B 111 -2.55 -7.11 10.73
CA GLN B 111 -2.93 -8.05 9.68
C GLN B 111 -4.43 -8.03 9.40
N LEU B 112 -4.81 -7.88 8.15
CA LEU B 112 -6.21 -7.94 7.74
C LEU B 112 -6.37 -8.96 6.63
N ASP B 113 -7.40 -9.78 6.66
CA ASP B 113 -7.64 -10.66 5.52
C ASP B 113 -8.07 -9.83 4.31
N GLU B 114 -8.00 -10.42 3.13
CA GLU B 114 -8.23 -9.69 1.89
C GLU B 114 -9.57 -8.96 1.85
N HIS B 115 -10.61 -9.57 2.40
CA HIS B 115 -11.96 -9.05 2.23
C HIS B 115 -12.28 -7.81 3.07
N ILE B 116 -11.47 -7.48 4.08
CA ILE B 116 -11.80 -6.32 4.92
C ILE B 116 -10.83 -5.14 4.77
N ARG B 117 -9.92 -5.21 3.80
CA ARG B 117 -9.03 -4.08 3.50
C ARG B 117 -9.72 -2.95 2.75
N GLY B 118 -9.24 -1.74 2.96
CA GLY B 118 -9.75 -0.58 2.25
C GLY B 118 -11.04 -0.07 2.85
N ARG B 119 -11.23 -0.34 4.14
CA ARG B 119 -12.45 0.08 4.85
C ARG B 119 -12.15 0.79 6.17
N ASN B 120 -10.90 1.24 6.32
CA ASN B 120 -10.42 1.99 7.49
C ASN B 120 -10.26 1.18 8.77
N VAL B 121 -10.28 -0.15 8.63
CA VAL B 121 -10.06 -1.05 9.75
C VAL B 121 -8.58 -1.02 10.14
N GLY B 122 -7.72 -0.75 9.17
CA GLY B 122 -6.31 -0.60 9.45
C GLY B 122 -6.10 0.65 10.28
N LYS B 123 -6.69 1.75 9.86
CA LYS B 123 -6.66 2.97 10.65
C LYS B 123 -7.30 2.73 12.04
N TRP B 124 -8.40 2.00 12.07
CA TRP B 124 -9.09 1.75 13.34
C TRP B 124 -8.14 1.05 14.31
N LEU B 125 -7.47 0.02 13.83
CA LEU B 125 -6.53 -0.71 14.68
C LEU B 125 -5.39 0.16 15.17
N LEU B 126 -4.78 0.90 14.24
CA LEU B 126 -3.62 1.72 14.57
C LEU B 126 -3.98 2.82 15.57
N LYS B 127 -5.08 3.51 15.29
CA LYS B 127 -5.61 4.54 16.17
C LYS B 127 -5.85 4.02 17.58
N ASN B 128 -6.43 2.83 17.70
CA ASN B 128 -6.69 2.27 19.01
C ASN B 128 -5.40 1.89 19.75
N ALA B 129 -4.42 1.40 18.99
CA ALA B 129 -3.14 1.06 19.60
C ALA B 129 -2.49 2.31 20.15
N SER B 130 -2.56 3.40 19.40
CA SER B 130 -1.94 4.68 19.78
C SER B 130 -2.57 5.27 21.05
N ILE B 131 -3.90 5.24 21.12
CA ILE B 131 -4.62 5.75 22.29
C ILE B 131 -4.33 4.91 23.53
N LEU B 132 -4.34 3.60 23.32
CA LEU B 132 -4.04 2.62 24.36
C LEU B 132 -2.65 2.87 24.92
N ALA B 133 -1.70 3.17 24.03
CA ALA B 133 -0.34 3.49 24.44
C ALA B 133 -0.31 4.76 25.28
N TYR B 134 -0.97 5.81 24.78
CA TYR B 134 -1.00 7.11 25.46
C TYR B 134 -1.53 6.93 26.87
N ARG B 135 -2.62 6.17 26.99
CA ARG B 135 -3.26 5.97 28.30
C ARG B 135 -2.41 5.14 29.24
N ARG B 136 -1.50 4.34 28.70
CA ARG B 136 -0.62 3.55 29.55
C ARG B 136 0.69 4.28 29.82
N ASN B 137 0.72 5.58 29.51
CA ASN B 137 1.93 6.39 29.63
C ASN B 137 3.09 5.87 28.81
N LEU B 138 2.77 5.32 27.63
CA LEU B 138 3.78 4.95 26.64
C LEU B 138 3.80 6.05 25.58
N LYS B 139 4.94 6.72 25.45
CA LYS B 139 5.01 7.98 24.73
C LYS B 139 5.15 7.79 23.23
N TYR B 140 5.64 6.64 22.82
CA TYR B 140 5.89 6.37 21.40
C TYR B 140 5.26 5.07 20.90
N ILE B 141 5.08 4.97 19.59
CA ILE B 141 4.76 3.72 18.93
C ILE B 141 5.95 3.34 18.08
N PHE B 142 6.40 2.09 18.18
CA PHE B 142 7.50 1.57 17.36
C PHE B 142 7.03 0.39 16.54
N LEU B 143 7.72 0.14 15.43
CA LEU B 143 7.51 -1.07 14.66
C LEU B 143 8.68 -1.33 13.69
N THR B 144 8.78 -2.57 13.23
CA THR B 144 9.73 -2.92 12.18
C THR B 144 8.94 -3.14 10.91
N VAL B 145 9.46 -2.69 9.77
CA VAL B 145 8.78 -2.95 8.51
C VAL B 145 9.79 -3.23 7.39
N PHE B 146 9.51 -4.26 6.59
CA PHE B 146 10.30 -4.55 5.39
C PHE B 146 10.16 -3.44 4.36
N SER B 147 11.28 -3.02 3.78
CA SER B 147 11.23 -2.06 2.69
C SER B 147 10.44 -2.63 1.52
N ALA B 148 10.46 -3.96 1.38
CA ALA B 148 9.77 -4.60 0.26
C ALA B 148 8.28 -4.58 0.45
N ASN B 149 7.84 -4.40 1.71
CA ASN B 149 6.42 -4.30 1.97
C ASN B 149 5.98 -2.86 1.74
N LEU B 150 5.97 -2.47 0.47
CA LEU B 150 5.78 -1.07 0.10
C LEU B 150 4.41 -0.52 0.54
N ASN B 151 3.37 -1.33 0.43
CA ASN B 151 2.03 -0.89 0.84
C ASN B 151 2.03 -0.56 2.32
N ALA B 152 2.63 -1.42 3.12
CA ALA B 152 2.62 -1.20 4.58
C ALA B 152 3.44 0.03 4.93
N LEU B 153 4.60 0.15 4.29
CA LEU B 153 5.48 1.30 4.48
C LEU B 153 4.75 2.60 4.24
N ASN B 154 4.02 2.66 3.13
CA ASN B 154 3.36 3.91 2.78
C ASN B 154 2.19 4.18 3.73
N PHE B 155 1.51 3.11 4.15
CA PHE B 155 0.44 3.18 5.15
C PHE B 155 0.97 3.80 6.43
N TYR B 156 2.08 3.26 6.93
CA TYR B 156 2.66 3.78 8.16
C TYR B 156 3.07 5.23 8.01
N HIS B 157 3.64 5.57 6.85
CA HIS B 157 4.11 6.92 6.59
C HIS B 157 2.93 7.90 6.67
N HIS B 158 1.78 7.45 6.19
CA HIS B 158 0.58 8.26 6.17
C HIS B 158 0.18 8.66 7.60
N PHE B 159 0.52 7.82 8.57
CA PHE B 159 0.21 8.06 9.97
C PHE B 159 1.42 8.50 10.80
N ASP B 160 2.31 9.26 10.13
CA ASP B 160 3.42 10.00 10.75
C ASP B 160 4.56 9.15 11.32
N PHE B 161 4.64 7.89 10.91
CA PHE B 161 5.81 7.10 11.28
C PHE B 161 7.01 7.53 10.45
N VAL B 162 8.16 7.66 11.10
CA VAL B 162 9.42 8.01 10.42
C VAL B 162 10.50 7.13 11.01
N PRO B 163 11.63 6.95 10.29
CA PRO B 163 12.72 6.12 10.82
C PRO B 163 13.34 6.69 12.09
N HIS B 164 13.55 5.84 13.08
CA HIS B 164 14.30 6.22 14.28
C HIS B 164 15.78 6.32 13.93
N GLU B 165 16.55 7.04 14.72
CA GLU B 165 18.00 7.15 14.47
C GLU B 165 18.71 5.79 14.52
N SER B 166 18.15 4.83 15.26
CA SER B 166 18.70 3.47 15.35
C SER B 166 18.38 2.62 14.11
N SER B 167 17.48 3.12 13.28
CA SER B 167 17.05 2.43 12.08
C SER B 167 18.14 2.35 11.02
N PRO B 168 18.16 1.23 10.28
CA PRO B 168 18.89 1.26 9.01
C PRO B 168 18.37 2.45 8.22
N GLN B 169 19.22 3.11 7.46
CA GLN B 169 18.75 4.32 6.79
C GLN B 169 18.76 4.18 5.27
N GLU B 170 17.82 4.85 4.63
CA GLU B 170 17.79 4.92 3.19
C GLU B 170 18.99 5.72 2.71
N LYS B 171 19.51 5.36 1.54
CA LYS B 171 20.55 6.17 0.93
C LYS B 171 19.86 6.89 -0.20
N LYS B 172 20.04 8.20 -0.24
CA LYS B 172 19.31 9.04 -1.17
C LYS B 172 20.31 9.92 -1.88
N PHE B 173 20.23 9.95 -3.21
CA PHE B 173 21.17 10.70 -4.02
C PHE B 173 20.46 11.91 -4.61
N ARG B 174 21.20 12.99 -4.82
CA ARG B 174 20.61 14.19 -5.42
C ARG B 174 20.05 13.88 -6.80
N SER B 175 20.66 12.89 -7.47
CA SER B 175 20.17 12.40 -8.77
C SER B 175 18.75 11.84 -8.74
N GLY B 176 18.25 11.52 -7.55
CA GLY B 176 16.93 10.93 -7.42
C GLY B 176 16.98 9.45 -7.12
N LYS B 177 18.17 8.86 -7.24
CA LYS B 177 18.33 7.44 -6.90
C LYS B 177 18.16 7.22 -5.40
N VAL B 178 17.39 6.21 -5.04
CA VAL B 178 17.29 5.83 -3.64
C VAL B 178 17.61 4.35 -3.48
N ILE B 179 18.38 4.04 -2.45
CA ILE B 179 18.70 2.67 -2.11
C ILE B 179 18.14 2.42 -0.70
N HIS B 180 17.26 1.43 -0.57
CA HIS B 180 16.59 1.09 0.69
C HIS B 180 17.25 -0.08 1.43
N PRO B 181 17.39 0.05 2.76
CA PRO B 181 17.87 -1.06 3.59
C PRO B 181 16.81 -2.17 3.58
N ASP B 182 17.10 -3.35 4.12
CA ASP B 182 16.10 -4.40 4.03
C ASP B 182 14.92 -4.18 4.97
N TYR B 183 15.09 -3.31 5.97
CA TYR B 183 13.99 -2.94 6.86
C TYR B 183 14.22 -1.57 7.46
N TYR B 184 13.14 -1.01 8.00
CA TYR B 184 13.19 0.22 8.76
C TYR B 184 12.63 -0.05 10.15
N ILE B 185 13.13 0.70 11.12
CA ILE B 185 12.52 0.76 12.43
C ILE B 185 11.88 2.12 12.48
N LEU B 186 10.55 2.14 12.47
CA LEU B 186 9.81 3.39 12.42
C LEU B 186 9.21 3.68 13.78
N TYR B 187 9.03 4.97 14.08
CA TYR B 187 8.32 5.37 15.27
C TYR B 187 7.61 6.70 15.09
N THR B 188 6.66 6.95 16.00
CA THR B 188 5.97 8.22 16.08
C THR B 188 5.43 8.38 17.50
N LYS B 189 5.07 9.60 17.85
CA LYS B 189 4.53 9.83 19.18
C LYS B 189 3.16 9.17 19.30
N SER B 190 2.87 8.64 20.48
CA SER B 190 1.52 8.14 20.75
C SER B 190 0.60 9.34 20.83
N ARG B 191 -0.70 9.10 20.69
CA ARG B 191 -1.64 10.19 20.66
C ARG B 191 -2.98 9.81 21.27
N LYS B 192 -3.58 10.75 22.00
CA LYS B 192 -4.88 10.53 22.59
C LYS B 192 -5.96 11.17 21.73
N ASP B 193 -5.57 12.14 20.91
CA ASP B 193 -6.50 12.87 20.07
C ASP B 193 -6.43 12.44 18.61
N TRP B 194 -7.53 11.87 18.11
CA TRP B 194 -7.62 11.43 16.72
C TRP B 194 -8.87 11.99 16.05
N1A COA C . 1.45 7.44 -0.57
C2A COA C . 1.99 8.65 -0.57
N3A COA C . 3.05 8.98 -1.39
C4A COA C . 3.56 8.05 -2.22
C5A COA C . 3.00 6.75 -2.25
C6A COA C . 1.89 6.44 -1.36
N6A COA C . 1.30 5.18 -1.34
N7A COA C . 3.73 6.01 -3.19
C8A COA C . 4.70 6.84 -3.70
N9A COA C . 4.64 8.04 -3.16
C1B COA C . 5.46 9.15 -3.49
C2B COA C . 6.80 9.18 -2.82
O2B COA C . 6.73 10.06 -1.74
C3B COA C . 7.72 9.78 -3.78
O3B COA C . 7.59 11.21 -3.66
P3B COA C . 8.76 12.11 -3.25
O7A COA C . 9.99 11.89 -4.06
O8A COA C . 8.42 13.48 -3.61
O9A COA C . 9.03 11.95 -1.71
C4B COA C . 7.15 9.50 -5.09
O4B COA C . 5.77 9.05 -4.89
C5B COA C . 7.96 8.45 -5.79
O5B COA C . 7.09 7.33 -5.95
P1A COA C . 7.57 5.94 -6.59
O1A COA C . 8.68 5.34 -5.78
O2A COA C . 8.07 6.03 -7.98
O3A COA C . 6.27 5.01 -6.46
P2A COA C . 6.04 3.56 -7.10
O4A COA C . 7.35 2.92 -7.43
O5A COA C . 5.47 2.67 -6.07
O6A COA C . 5.13 3.70 -8.36
CBP COA C . 2.93 2.92 -8.94
CCP COA C . 3.73 4.02 -8.21
CDP COA C . 1.43 3.08 -8.64
CEP COA C . 3.19 3.04 -10.48
CAP COA C . 3.42 1.56 -8.40
OAP COA C . 3.18 1.45 -7.03
C9P COA C . 2.82 0.37 -9.16
O9P COA C . 3.29 -0.03 -10.23
N8P COA C . 1.65 -0.32 -8.57
C7P COA C . 1.07 -1.42 -9.23
C6P COA C . 0.22 -0.97 -10.39
C5P COA C . -0.85 0.08 -10.15
O5P COA C . -1.58 0.07 -9.13
N4P COA C . -1.00 1.11 -11.13
C3P COA C . -2.02 2.13 -10.95
C2P COA C . -3.27 1.73 -11.74
S1P COA C . -2.98 1.77 -13.51
CL CL D . -6.39 1.57 -10.10
N1A COA E . -0.28 4.45 0.93
C2A COA E . -0.68 5.57 1.52
N3A COA E . -1.76 5.62 2.37
C4A COA E . -2.46 4.50 2.62
C5A COA E . -2.08 3.28 2.03
C6A COA E . -0.92 3.28 1.12
N6A COA E . -0.51 2.09 0.51
N7A COA E . -2.96 2.29 2.46
C8A COA E . -3.86 2.91 3.28
N9A COA E . -3.59 4.21 3.41
C1B COA E . -4.33 5.16 4.17
C2B COA E . -5.71 5.30 3.59
O2B COA E . -5.73 6.19 2.49
C3B COA E . -6.51 5.79 4.73
O3B COA E . -6.25 7.20 4.77
P3B COA E . -7.22 8.26 5.26
O7A COA E . -8.55 8.08 4.59
O8A COA E . -7.56 8.07 6.69
O9A COA E . -6.61 9.69 4.99
C4B COA E . -5.88 5.18 5.91
O4B COA E . -4.54 4.74 5.53
C5B COA E . -6.58 3.96 6.44
O5B COA E . -6.77 3.04 5.35
P1A COA E . -7.17 1.50 5.56
O1A COA E . -8.47 1.22 4.86
O2A COA E . -7.40 1.12 6.95
O3A COA E . -5.99 0.61 4.92
P2A COA E . -5.97 -1.00 4.92
O4A COA E . -7.28 -1.67 4.98
O5A COA E . -5.45 -1.52 3.64
O6A COA E . -5.06 -1.47 6.13
CBP COA E . -2.98 -2.69 6.30
CCP COA E . -3.64 -1.31 6.04
CDP COA E . -1.47 -2.57 6.14
CEP COA E . -3.32 -3.10 7.77
CAP COA E . -3.54 -3.71 5.26
OAP COA E . -3.21 -3.31 3.96
C9P COA E . -2.99 -5.11 5.49
O9P COA E . -3.45 -5.83 6.39
N8P COA E . -1.90 -5.62 4.62
C7P COA E . -1.38 -6.92 4.80
C6P COA E . -0.62 -7.00 6.11
C5P COA E . 0.66 -6.19 6.25
O5P COA E . 1.40 -6.00 5.26
N4P COA E . 0.97 -5.67 7.54
C3P COA E . 2.16 -4.88 7.79
C2P COA E . 3.31 -5.80 8.21
S1P COA E . 3.04 -6.40 9.87
#